data_4JJM
#
_entry.id   4JJM
#
_cell.length_a   83.630
_cell.length_b   83.630
_cell.length_c   85.030
_cell.angle_alpha   90.00
_cell.angle_beta   90.00
_cell.angle_gamma   120.00
#
_symmetry.space_group_name_H-M   'P 32 2 1'
#
loop_
_entity.id
_entity.type
_entity.pdbx_description
1 polymer 'Peptidyl-prolyl cis-trans isomerase'
2 polymer 'cyclosporin A'
3 water water
#
loop_
_entity_poly.entity_id
_entity_poly.type
_entity_poly.pdbx_seq_one_letter_code
_entity_poly.pdbx_strand_id
1 'polypeptide(L)'
;GSHMPNPKVFFDMTVGGQPAGRIVMELFADVTPRTAENFRALCTGEKGIGKSGKPLHYKGSSFHRVIPGFMCQGGDFTAG
NGTGGESIYGSKFADENFVKKHTGPGILSMANAGPGTNGSQFFVCTAKTEWLDGKHVVFGQVVEGMDVVKAIEKVGSSSG
RTNKPVVIADCGQLS
;
A,B
2 'polypeptide(L)' (DAL)(MLE)(MLE)(MVA)(BMT)(ABA)(SAR)(MLE)V(MLE)A E,F
#
# COMPACT_ATOMS: atom_id res chain seq x y z
N ASN A 6 -31.04 -5.04 -12.68
CA ASN A 6 -29.75 -4.90 -12.02
C ASN A 6 -28.80 -3.96 -12.75
N PRO A 7 -28.15 -3.06 -12.00
CA PRO A 7 -27.19 -2.12 -12.61
C PRO A 7 -25.92 -2.81 -13.08
N LYS A 8 -25.27 -2.25 -14.10
CA LYS A 8 -24.00 -2.78 -14.59
C LYS A 8 -22.94 -1.68 -14.50
N VAL A 9 -21.83 -1.97 -13.84
CA VAL A 9 -20.75 -1.00 -13.72
C VAL A 9 -19.48 -1.54 -14.38
N PHE A 10 -18.48 -0.68 -14.54
CA PHE A 10 -17.30 -1.07 -15.28
C PHE A 10 -15.99 -0.49 -14.74
N PHE A 11 -14.90 -1.22 -14.97
CA PHE A 11 -13.55 -0.72 -14.73
C PHE A 11 -12.80 -0.76 -16.06
N ASP A 12 -12.16 0.34 -16.43
CA ASP A 12 -11.19 0.31 -17.51
C ASP A 12 -9.81 0.21 -16.87
N MET A 13 -9.10 -0.88 -17.17
CA MET A 13 -7.89 -1.21 -16.41
C MET A 13 -6.59 -0.92 -17.15
N THR A 14 -5.55 -0.60 -16.38
CA THR A 14 -4.19 -0.58 -16.90
C THR A 14 -3.34 -1.57 -16.09
N VAL A 15 -2.47 -2.29 -16.78
CA VAL A 15 -1.53 -3.18 -16.12
C VAL A 15 -0.13 -2.79 -16.56
N GLY A 16 0.68 -2.31 -15.63
CA GLY A 16 2.01 -1.81 -15.95
C GLY A 16 1.95 -0.62 -16.87
N GLY A 17 0.88 0.17 -16.75
CA GLY A 17 0.71 1.37 -17.54
C GLY A 17 0.00 1.14 -18.86
N GLN A 18 -0.05 -0.12 -19.30
CA GLN A 18 -0.71 -0.47 -20.55
C GLN A 18 -2.20 -0.72 -20.35
N PRO A 19 -3.03 -0.11 -21.19
CA PRO A 19 -4.47 -0.40 -21.20
C PRO A 19 -4.71 -1.90 -21.36
N ALA A 20 -5.61 -2.46 -20.55
CA ALA A 20 -5.81 -3.91 -20.55
C ALA A 20 -7.24 -4.33 -20.88
N GLY A 21 -8.17 -3.37 -20.89
CA GLY A 21 -9.54 -3.67 -21.25
C GLY A 21 -10.56 -3.23 -20.23
N ARG A 22 -11.82 -3.50 -20.52
CA ARG A 22 -12.92 -3.13 -19.64
C ARG A 22 -13.52 -4.34 -18.91
N ILE A 23 -13.55 -4.27 -17.58
CA ILE A 23 -14.23 -5.27 -16.77
C ILE A 23 -15.65 -4.78 -16.53
N VAL A 24 -16.65 -5.56 -16.92
CA VAL A 24 -18.03 -5.17 -16.72
C VAL A 24 -18.70 -6.05 -15.67
N MET A 25 -19.27 -5.42 -14.65
CA MET A 25 -19.84 -6.15 -13.52
C MET A 25 -21.33 -5.89 -13.34
N GLU A 26 -22.10 -6.96 -13.19
CA GLU A 26 -23.50 -6.83 -12.84
C GLU A 26 -23.62 -6.86 -11.33
N LEU A 27 -24.37 -5.91 -10.78
CA LEU A 27 -24.53 -5.82 -9.33
C LEU A 27 -25.90 -6.36 -8.91
N PHE A 28 -25.89 -7.24 -7.91
CA PHE A 28 -27.11 -7.91 -7.48
C PHE A 28 -27.94 -7.02 -6.54
N ALA A 29 -28.47 -5.94 -7.06
CA ALA A 29 -29.30 -5.03 -6.26
C ALA A 29 -30.60 -5.70 -5.83
N ASP A 30 -31.04 -6.69 -6.59
CA ASP A 30 -32.29 -7.39 -6.30
C ASP A 30 -32.09 -8.47 -5.22
N VAL A 31 -30.84 -8.64 -4.81
CA VAL A 31 -30.50 -9.59 -3.76
C VAL A 31 -29.79 -8.89 -2.61
N THR A 32 -28.88 -7.98 -2.96
CA THR A 32 -28.13 -7.21 -1.98
C THR A 32 -28.16 -5.72 -2.31
N PRO A 33 -29.32 -5.07 -2.10
CA PRO A 33 -29.51 -3.66 -2.47
C PRO A 33 -28.54 -2.68 -1.81
N ARG A 34 -28.29 -2.82 -0.51
CA ARG A 34 -27.37 -1.92 0.19
C ARG A 34 -25.92 -2.07 -0.30
N THR A 35 -25.48 -3.31 -0.43
CA THR A 35 -24.11 -3.60 -0.85
C THR A 35 -23.88 -3.22 -2.32
N ALA A 36 -24.87 -3.49 -3.15
CA ALA A 36 -24.79 -3.13 -4.56
C ALA A 36 -24.69 -1.63 -4.72
N GLU A 37 -25.59 -0.90 -4.05
CA GLU A 37 -25.65 0.55 -4.16
C GLU A 37 -24.35 1.21 -3.70
N ASN A 38 -23.74 0.67 -2.64
CA ASN A 38 -22.45 1.17 -2.19
C ASN A 38 -21.41 1.03 -3.28
N PHE A 39 -21.33 -0.16 -3.88
CA PHE A 39 -20.36 -0.41 -4.95
C PHE A 39 -20.66 0.44 -6.17
N ARG A 40 -21.92 0.46 -6.59
CA ARG A 40 -22.35 1.24 -7.75
C ARG A 40 -21.99 2.72 -7.58
N ALA A 41 -22.28 3.26 -6.41
CA ALA A 41 -22.02 4.68 -6.14
C ALA A 41 -20.54 5.00 -6.19
N LEU A 42 -19.72 4.09 -5.67
CA LEU A 42 -18.27 4.27 -5.66
C LEU A 42 -17.68 4.16 -7.07
N CYS A 43 -18.44 3.62 -8.00
CA CYS A 43 -18.02 3.53 -9.39
C CYS A 43 -18.26 4.85 -10.14
N THR A 44 -19.34 5.54 -9.77
CA THR A 44 -19.71 6.78 -10.45
C THR A 44 -19.05 8.01 -9.85
N GLY A 45 -18.79 7.97 -8.54
CA GLY A 45 -18.23 9.11 -7.84
C GLY A 45 -19.32 10.05 -7.36
N GLU A 46 -20.57 9.63 -7.56
CA GLU A 46 -21.79 10.38 -7.19
C GLU A 46 -21.70 11.18 -5.90
N LYS A 47 -21.20 10.54 -4.85
CA LYS A 47 -21.33 11.07 -3.49
C LYS A 47 -20.30 12.14 -3.12
N GLY A 48 -19.32 12.36 -3.99
CA GLY A 48 -18.31 13.38 -3.74
C GLY A 48 -17.25 12.97 -2.74
N ILE A 49 -17.06 13.81 -1.72
CA ILE A 49 -15.98 13.64 -0.77
C ILE A 49 -16.40 12.93 0.51
N GLY A 50 -15.65 11.89 0.88
CA GLY A 50 -15.90 11.16 2.11
C GLY A 50 -15.25 11.77 3.32
N LYS A 51 -15.41 11.14 4.48
CA LYS A 51 -14.86 11.63 5.73
C LYS A 51 -13.32 11.62 5.70
N SER A 52 -12.76 10.91 4.73
CA SER A 52 -11.32 10.77 4.59
C SER A 52 -10.72 11.95 3.83
N GLY A 53 -11.59 12.78 3.26
CA GLY A 53 -11.16 13.94 2.50
C GLY A 53 -10.90 13.61 1.03
N LYS A 54 -11.10 12.34 0.68
CA LYS A 54 -10.86 11.88 -0.69
C LYS A 54 -12.20 11.50 -1.33
N PRO A 55 -12.31 11.67 -2.65
CA PRO A 55 -13.54 11.31 -3.36
C PRO A 55 -13.96 9.86 -3.14
N LEU A 56 -15.24 9.65 -2.88
CA LEU A 56 -15.79 8.31 -2.76
C LEU A 56 -15.90 7.72 -4.16
N HIS A 57 -14.76 7.23 -4.66
CA HIS A 57 -14.63 6.88 -6.07
C HIS A 57 -13.46 5.91 -6.26
N TYR A 58 -13.72 4.79 -6.93
CA TYR A 58 -12.69 3.78 -7.18
C TYR A 58 -11.66 4.25 -8.19
N LYS A 59 -12.02 5.27 -8.97
CA LYS A 59 -11.17 5.74 -10.05
C LYS A 59 -9.76 6.10 -9.60
N GLY A 60 -8.77 5.48 -10.23
CA GLY A 60 -7.38 5.75 -9.90
C GLY A 60 -6.82 4.81 -8.84
N SER A 61 -7.69 4.02 -8.22
CA SER A 61 -7.25 3.08 -7.20
C SER A 61 -6.68 1.81 -7.83
N SER A 62 -6.00 1.01 -7.03
CA SER A 62 -5.29 -0.16 -7.54
C SER A 62 -5.78 -1.48 -6.97
N PHE A 63 -5.39 -2.56 -7.64
CA PHE A 63 -5.50 -3.90 -7.06
C PHE A 63 -4.17 -4.16 -6.36
N HIS A 64 -4.22 -4.19 -5.03
CA HIS A 64 -3.00 -4.20 -4.21
C HIS A 64 -2.63 -5.61 -3.76
N ARG A 65 -3.58 -6.54 -3.91
CA ARG A 65 -3.38 -7.91 -3.48
C ARG A 65 -3.97 -8.87 -4.50
N VAL A 66 -3.10 -9.57 -5.22
CA VAL A 66 -3.53 -10.50 -6.25
C VAL A 66 -2.86 -11.87 -6.08
N ILE A 67 -3.68 -12.89 -5.83
CA ILE A 67 -3.17 -14.25 -5.67
C ILE A 67 -3.70 -15.13 -6.80
N PRO A 68 -2.80 -15.59 -7.68
CA PRO A 68 -3.15 -16.37 -8.88
C PRO A 68 -3.89 -17.65 -8.53
N GLY A 69 -5.03 -17.89 -9.18
CA GLY A 69 -5.82 -19.08 -8.92
C GLY A 69 -6.80 -18.91 -7.78
N PHE A 70 -6.79 -17.72 -7.18
CA PHE A 70 -7.65 -17.42 -6.04
C PHE A 70 -8.53 -16.21 -6.35
N MET A 71 -7.95 -15.00 -6.23
CA MET A 71 -8.71 -13.78 -6.44
C MET A 71 -7.84 -12.54 -6.65
N CYS A 72 -8.46 -11.46 -7.08
CA CYS A 72 -7.81 -10.16 -7.19
C CYS A 72 -8.52 -9.18 -6.27
N GLN A 73 -7.77 -8.56 -5.36
CA GLN A 73 -8.36 -7.67 -4.36
C GLN A 73 -8.00 -6.21 -4.59
N GLY A 74 -8.99 -5.34 -4.44
CA GLY A 74 -8.79 -3.90 -4.57
C GLY A 74 -9.80 -3.13 -3.73
N GLY A 75 -9.95 -1.84 -4.01
CA GLY A 75 -10.99 -1.05 -3.38
C GLY A 75 -10.51 -0.02 -2.36
N ASP A 76 -9.20 0.04 -2.15
CA ASP A 76 -8.63 1.03 -1.23
C ASP A 76 -8.30 2.32 -1.98
N PHE A 77 -9.29 3.19 -2.10
CA PHE A 77 -9.05 4.51 -2.69
C PHE A 77 -8.69 5.53 -1.61
N THR A 78 -8.59 5.06 -0.37
CA THR A 78 -8.28 5.93 0.77
C THR A 78 -6.78 6.01 1.08
N ALA A 79 -6.18 4.87 1.40
CA ALA A 79 -4.77 4.82 1.75
C ALA A 79 -3.95 4.25 0.60
N GLY A 80 -4.63 3.58 -0.32
CA GLY A 80 -3.98 2.99 -1.48
C GLY A 80 -2.97 1.92 -1.11
N ASN A 81 -3.19 1.25 0.01
CA ASN A 81 -2.24 0.25 0.49
C ASN A 81 -2.87 -0.99 1.12
N GLY A 82 -4.20 -1.06 1.11
CA GLY A 82 -4.90 -2.22 1.63
C GLY A 82 -5.45 -2.06 3.03
N THR A 83 -5.15 -0.93 3.67
CA THR A 83 -5.60 -0.67 5.03
C THR A 83 -6.82 0.24 5.04
N GLY A 84 -7.07 0.92 3.93
CA GLY A 84 -8.11 1.92 3.87
C GLY A 84 -9.37 1.49 3.15
N GLY A 85 -10.11 2.47 2.65
CA GLY A 85 -11.39 2.22 2.01
C GLY A 85 -12.49 2.87 2.82
N GLU A 86 -13.58 3.24 2.16
CA GLU A 86 -14.64 3.96 2.83
C GLU A 86 -15.96 3.72 2.11
N SER A 87 -17.00 3.37 2.86
CA SER A 87 -18.31 3.15 2.28
C SER A 87 -19.02 4.49 2.09
N ILE A 88 -20.21 4.45 1.50
CA ILE A 88 -20.97 5.67 1.28
C ILE A 88 -21.88 6.00 2.46
N TYR A 89 -21.94 5.09 3.44
CA TYR A 89 -22.88 5.23 4.54
C TYR A 89 -22.30 5.93 5.76
N GLY A 90 -21.05 6.40 5.65
CA GLY A 90 -20.43 7.16 6.71
C GLY A 90 -19.68 6.32 7.73
N SER A 91 -19.77 5.01 7.57
CA SER A 91 -19.05 4.08 8.43
C SER A 91 -19.05 2.69 7.80
N LYS A 92 -18.43 1.73 8.46
CA LYS A 92 -18.49 0.34 8.00
C LYS A 92 -19.93 -0.12 8.12
N PHE A 93 -20.38 -0.97 7.22
CA PHE A 93 -21.77 -1.43 7.26
C PHE A 93 -21.91 -2.94 7.43
N ALA A 94 -23.08 -3.34 7.92
CA ALA A 94 -23.33 -4.74 8.27
C ALA A 94 -23.29 -5.66 7.06
N ASP A 95 -23.05 -6.94 7.33
CA ASP A 95 -23.22 -7.96 6.31
C ASP A 95 -24.71 -8.06 6.02
N GLU A 96 -25.11 -7.59 4.85
CA GLU A 96 -26.52 -7.49 4.49
C GLU A 96 -27.20 -8.87 4.51
N ASN A 97 -26.59 -9.82 3.81
CA ASN A 97 -27.02 -11.21 3.82
C ASN A 97 -25.96 -12.08 3.17
N PHE A 98 -26.13 -13.40 3.27
CA PHE A 98 -25.20 -14.32 2.62
C PHE A 98 -25.94 -15.28 1.69
N VAL A 99 -26.99 -14.78 1.04
CA VAL A 99 -27.78 -15.57 0.10
C VAL A 99 -26.93 -16.09 -1.06
N LYS A 100 -26.16 -15.19 -1.67
CA LYS A 100 -25.30 -15.55 -2.80
C LYS A 100 -23.99 -16.17 -2.32
N LYS A 101 -23.58 -17.23 -3.00
CA LYS A 101 -22.37 -17.97 -2.62
C LYS A 101 -21.24 -17.78 -3.63
N HIS A 102 -20.03 -18.11 -3.21
CA HIS A 102 -18.85 -17.98 -4.08
C HIS A 102 -18.77 -19.18 -5.02
N THR A 103 -19.43 -19.04 -6.17
CA THR A 103 -19.69 -20.17 -7.05
C THR A 103 -18.74 -20.34 -8.24
N GLY A 104 -17.78 -19.44 -8.38
CA GLY A 104 -16.82 -19.55 -9.47
C GLY A 104 -16.17 -18.25 -9.88
N PRO A 105 -15.47 -18.27 -11.03
CA PRO A 105 -14.72 -17.12 -11.55
C PRO A 105 -15.63 -15.93 -11.83
N GLY A 106 -15.16 -14.73 -11.50
CA GLY A 106 -15.91 -13.52 -11.77
C GLY A 106 -16.81 -13.10 -10.63
N ILE A 107 -16.94 -13.97 -9.63
CA ILE A 107 -17.74 -13.65 -8.45
C ILE A 107 -17.18 -12.40 -7.78
N LEU A 108 -18.06 -11.45 -7.50
CA LEU A 108 -17.66 -10.18 -6.92
C LEU A 108 -18.13 -10.13 -5.47
N SER A 109 -17.18 -10.02 -4.54
CA SER A 109 -17.52 -10.12 -3.13
C SER A 109 -16.78 -9.10 -2.27
N MET A 110 -17.32 -8.84 -1.07
CA MET A 110 -16.76 -7.84 -0.19
C MET A 110 -15.62 -8.39 0.67
N ALA A 111 -14.49 -7.70 0.63
CA ALA A 111 -13.43 -7.95 1.59
C ALA A 111 -13.87 -7.33 2.91
N ASN A 112 -13.39 -7.86 4.03
CA ASN A 112 -13.72 -7.27 5.33
C ASN A 112 -12.67 -7.52 6.41
N ALA A 113 -13.01 -7.16 7.64
CA ALA A 113 -12.13 -7.39 8.78
C ALA A 113 -12.92 -8.11 9.87
N GLY A 114 -13.70 -9.11 9.46
CA GLY A 114 -14.61 -9.77 10.37
C GLY A 114 -16.04 -9.32 10.10
N PRO A 115 -17.01 -9.85 10.86
CA PRO A 115 -18.43 -9.53 10.67
C PRO A 115 -18.75 -8.03 10.77
N GLY A 116 -19.66 -7.57 9.91
CA GLY A 116 -20.15 -6.21 9.95
C GLY A 116 -19.11 -5.10 9.78
N THR A 117 -18.10 -5.37 8.97
CA THR A 117 -17.03 -4.39 8.74
C THR A 117 -16.84 -4.10 7.25
N ASN A 118 -17.93 -4.05 6.50
CA ASN A 118 -17.86 -3.77 5.07
C ASN A 118 -17.53 -2.30 4.78
N GLY A 119 -16.52 -2.06 3.96
CA GLY A 119 -16.13 -0.72 3.60
C GLY A 119 -16.25 -0.49 2.10
N SER A 120 -15.11 -0.51 1.42
CA SER A 120 -15.10 -0.35 -0.04
C SER A 120 -14.24 -1.41 -0.70
N GLN A 121 -13.43 -2.10 0.11
CA GLN A 121 -12.55 -3.14 -0.42
C GLN A 121 -13.34 -4.37 -0.87
N PHE A 122 -13.01 -4.85 -2.06
CA PHE A 122 -13.74 -5.93 -2.69
C PHE A 122 -12.75 -6.93 -3.27
N PHE A 123 -13.25 -8.08 -3.73
CA PHE A 123 -12.42 -9.00 -4.50
C PHE A 123 -13.19 -9.69 -5.61
N VAL A 124 -12.47 -10.01 -6.68
CA VAL A 124 -13.04 -10.73 -7.81
C VAL A 124 -12.40 -12.11 -7.85
N CYS A 125 -13.22 -13.15 -7.72
CA CYS A 125 -12.69 -14.52 -7.69
C CYS A 125 -12.21 -14.97 -9.06
N THR A 126 -11.15 -15.77 -9.07
CA THR A 126 -10.67 -16.37 -10.31
C THR A 126 -10.91 -17.87 -10.28
N ALA A 127 -11.72 -18.30 -9.32
CA ALA A 127 -12.13 -19.70 -9.18
C ALA A 127 -13.23 -19.79 -8.13
N LYS A 128 -13.65 -21.01 -7.80
CA LYS A 128 -14.59 -21.21 -6.71
C LYS A 128 -13.90 -20.97 -5.38
N THR A 129 -14.51 -20.16 -4.52
CA THR A 129 -13.96 -19.91 -3.19
C THR A 129 -15.01 -20.24 -2.14
N GLU A 130 -15.45 -21.49 -2.12
CA GLU A 130 -16.53 -21.95 -1.25
C GLU A 130 -16.30 -21.70 0.23
N TRP A 131 -15.03 -21.74 0.66
CA TRP A 131 -14.69 -21.57 2.07
C TRP A 131 -15.02 -20.17 2.60
N LEU A 132 -15.29 -19.25 1.67
CA LEU A 132 -15.62 -17.88 2.04
C LEU A 132 -17.13 -17.68 2.19
N ASP A 133 -17.91 -18.73 1.92
CA ASP A 133 -19.37 -18.64 2.02
C ASP A 133 -19.81 -18.34 3.45
N GLY A 134 -20.69 -17.34 3.58
CA GLY A 134 -21.24 -16.98 4.88
C GLY A 134 -20.36 -16.00 5.64
N LYS A 135 -19.18 -15.71 5.10
CA LYS A 135 -18.25 -14.79 5.76
C LYS A 135 -18.08 -13.51 4.94
N HIS A 136 -18.26 -13.62 3.63
CA HIS A 136 -18.11 -12.45 2.76
C HIS A 136 -19.32 -12.27 1.86
N VAL A 137 -19.87 -11.06 1.86
CA VAL A 137 -21.08 -10.76 1.10
C VAL A 137 -20.83 -10.72 -0.39
N VAL A 138 -21.30 -11.75 -1.10
CA VAL A 138 -21.27 -11.77 -2.56
C VAL A 138 -22.36 -10.83 -3.06
N PHE A 139 -22.01 -9.94 -3.98
CA PHE A 139 -22.96 -8.91 -4.42
C PHE A 139 -22.88 -8.62 -5.90
N GLY A 140 -22.11 -9.41 -6.64
CA GLY A 140 -21.96 -9.16 -8.06
C GLY A 140 -21.27 -10.28 -8.84
N GLN A 141 -21.24 -10.09 -10.15
CA GLN A 141 -20.60 -11.06 -11.04
C GLN A 141 -20.04 -10.34 -12.27
N VAL A 142 -18.79 -10.63 -12.61
CA VAL A 142 -18.20 -10.11 -13.84
C VAL A 142 -18.93 -10.76 -15.02
N VAL A 143 -19.51 -9.94 -15.89
CA VAL A 143 -20.27 -10.47 -17.02
C VAL A 143 -19.62 -10.20 -18.37
N GLU A 144 -18.69 -9.24 -18.42
CA GLU A 144 -17.86 -9.03 -19.60
C GLU A 144 -16.43 -8.74 -19.16
N GLY A 145 -15.47 -9.11 -20.00
CA GLY A 145 -14.08 -8.76 -19.76
C GLY A 145 -13.40 -9.55 -18.64
N MET A 146 -13.82 -10.79 -18.46
CA MET A 146 -13.17 -11.65 -17.47
C MET A 146 -11.72 -11.92 -17.89
N ASP A 147 -11.46 -11.85 -19.19
CA ASP A 147 -10.11 -12.03 -19.72
C ASP A 147 -9.19 -10.92 -19.21
N VAL A 148 -9.77 -9.77 -18.90
CA VAL A 148 -8.99 -8.67 -18.33
C VAL A 148 -8.58 -9.03 -16.90
N VAL A 149 -9.47 -9.69 -16.18
CA VAL A 149 -9.18 -10.18 -14.83
C VAL A 149 -8.05 -11.20 -14.87
N LYS A 150 -8.03 -12.00 -15.93
CA LYS A 150 -6.98 -12.99 -16.14
C LYS A 150 -5.62 -12.31 -16.32
N ALA A 151 -5.62 -11.17 -16.99
CA ALA A 151 -4.41 -10.38 -17.18
C ALA A 151 -3.90 -9.85 -15.85
N ILE A 152 -4.85 -9.46 -14.99
CA ILE A 152 -4.53 -9.01 -13.64
C ILE A 152 -3.98 -10.17 -12.81
N GLU A 153 -4.63 -11.32 -12.91
CA GLU A 153 -4.20 -12.52 -12.21
C GLU A 153 -2.76 -12.88 -12.57
N LYS A 154 -2.40 -12.68 -13.83
CA LYS A 154 -1.08 -13.06 -14.35
C LYS A 154 0.08 -12.35 -13.67
N VAL A 155 -0.14 -11.13 -13.19
CA VAL A 155 0.91 -10.37 -12.53
C VAL A 155 0.91 -10.54 -11.01
N GLY A 156 0.06 -11.44 -10.51
CA GLY A 156 -0.01 -11.69 -9.09
C GLY A 156 1.10 -12.60 -8.59
N SER A 157 1.06 -12.92 -7.30
CA SER A 157 2.05 -13.81 -6.69
C SER A 157 1.46 -14.51 -5.47
N SER A 158 2.21 -15.47 -4.91
CA SER A 158 1.73 -16.23 -3.76
C SER A 158 1.58 -15.35 -2.53
N SER A 159 2.38 -14.29 -2.46
CA SER A 159 2.35 -13.37 -1.34
C SER A 159 1.19 -12.38 -1.52
N GLY A 160 0.76 -12.20 -2.75
CA GLY A 160 -0.31 -11.27 -3.06
C GLY A 160 0.23 -10.00 -3.70
N ARG A 161 1.54 -9.80 -3.58
CA ARG A 161 2.20 -8.68 -4.24
C ARG A 161 2.10 -8.85 -5.74
N THR A 162 1.69 -7.77 -6.42
CA THR A 162 1.74 -7.77 -7.87
C THR A 162 3.16 -7.46 -8.32
N ASN A 163 3.47 -7.71 -9.59
CA ASN A 163 4.78 -7.36 -10.12
C ASN A 163 4.70 -6.25 -11.17
N LYS A 164 3.48 -5.85 -11.47
CA LYS A 164 3.19 -4.65 -12.26
C LYS A 164 2.04 -3.93 -11.57
N PRO A 165 2.03 -2.59 -11.61
CA PRO A 165 0.91 -1.86 -11.01
C PRO A 165 -0.38 -2.10 -11.78
N VAL A 166 -1.43 -2.49 -11.06
CA VAL A 166 -2.73 -2.74 -11.67
C VAL A 166 -3.69 -1.64 -11.23
N VAL A 167 -4.09 -0.80 -12.18
CA VAL A 167 -4.81 0.43 -11.85
C VAL A 167 -6.18 0.52 -12.53
N ILE A 168 -7.17 1.01 -11.81
CA ILE A 168 -8.47 1.34 -12.40
C ILE A 168 -8.36 2.72 -13.06
N ALA A 169 -8.03 2.71 -14.35
CA ALA A 169 -7.77 3.94 -15.09
C ALA A 169 -9.03 4.80 -15.20
N ASP A 170 -10.16 4.13 -15.43
CA ASP A 170 -11.46 4.81 -15.42
C ASP A 170 -12.51 3.83 -14.93
N CYS A 171 -13.65 4.35 -14.49
CA CYS A 171 -14.73 3.51 -13.97
C CYS A 171 -16.05 4.27 -13.99
N GLY A 172 -17.16 3.55 -13.83
CA GLY A 172 -18.47 4.19 -13.81
C GLY A 172 -19.63 3.23 -14.02
N GLN A 173 -20.81 3.77 -14.27
CA GLN A 173 -22.01 2.96 -14.47
C GLN A 173 -22.38 2.83 -15.94
N LEU A 174 -22.74 1.62 -16.34
CA LEU A 174 -22.98 1.32 -17.75
C LEU A 174 -24.47 1.21 -18.07
N SER A 175 -25.24 0.67 -17.12
CA SER A 175 -26.69 0.55 -17.28
C SER A 175 -27.34 0.30 -15.93
N ASN B 6 26.65 13.96 -5.71
CA ASN B 6 25.60 13.36 -4.89
C ASN B 6 25.41 14.07 -3.55
N PRO B 7 24.15 14.43 -3.23
CA PRO B 7 23.85 15.16 -1.99
C PRO B 7 23.98 14.29 -0.76
N LYS B 8 24.28 14.92 0.39
CA LYS B 8 24.34 14.23 1.66
C LYS B 8 23.32 14.82 2.63
N VAL B 9 22.49 13.96 3.21
CA VAL B 9 21.46 14.40 4.13
C VAL B 9 21.66 13.72 5.47
N PHE B 10 21.06 14.27 6.52
CA PHE B 10 21.29 13.73 7.86
C PHE B 10 20.01 13.60 8.68
N PHE B 11 20.03 12.68 9.64
CA PHE B 11 19.01 12.59 10.67
C PHE B 11 19.69 12.72 12.02
N ASP B 12 19.24 13.64 12.86
CA ASP B 12 19.65 13.61 14.26
C ASP B 12 18.63 12.77 15.02
N MET B 13 19.05 11.58 15.44
CA MET B 13 18.13 10.61 16.01
C MET B 13 18.03 10.68 17.53
N THR B 14 16.85 10.43 18.05
CA THR B 14 16.67 10.23 19.48
C THR B 14 16.15 8.81 19.73
N VAL B 15 16.59 8.21 20.83
CA VAL B 15 16.12 6.89 21.22
C VAL B 15 15.61 6.97 22.65
N GLY B 16 14.31 6.78 22.83
CA GLY B 16 13.70 6.96 24.14
C GLY B 16 13.82 8.41 24.59
N GLY B 17 13.90 9.31 23.62
CA GLY B 17 14.02 10.73 23.89
C GLY B 17 15.46 11.19 23.92
N GLN B 18 16.38 10.25 24.16
CA GLN B 18 17.79 10.57 24.29
C GLN B 18 18.48 10.67 22.93
N PRO B 19 19.23 11.76 22.72
CA PRO B 19 20.08 11.91 21.54
C PRO B 19 20.99 10.70 21.36
N ALA B 20 20.89 10.04 20.21
CA ALA B 20 21.71 8.86 19.96
C ALA B 20 22.76 9.11 18.88
N GLY B 21 22.74 10.30 18.31
CA GLY B 21 23.72 10.67 17.31
C GLY B 21 23.12 10.98 15.96
N ARG B 22 24.00 11.24 14.99
CA ARG B 22 23.58 11.66 13.66
C ARG B 22 23.89 10.61 12.59
N ILE B 23 22.87 10.25 11.80
CA ILE B 23 23.06 9.41 10.64
C ILE B 23 23.17 10.30 9.41
N VAL B 24 24.31 10.23 8.72
CA VAL B 24 24.48 10.96 7.47
C VAL B 24 24.32 9.98 6.32
N MET B 25 23.54 10.36 5.30
CA MET B 25 23.29 9.47 4.18
C MET B 25 23.65 10.13 2.86
N GLU B 26 24.35 9.40 2.01
CA GLU B 26 24.59 9.86 0.65
C GLU B 26 23.46 9.37 -0.23
N LEU B 27 22.93 10.25 -1.07
CA LEU B 27 21.82 9.90 -1.95
C LEU B 27 22.30 9.71 -3.38
N PHE B 28 21.94 8.57 -3.96
CA PHE B 28 22.35 8.25 -5.33
C PHE B 28 21.53 9.01 -6.36
N ALA B 29 21.75 10.32 -6.43
CA ALA B 29 21.06 11.16 -7.40
C ALA B 29 21.54 10.87 -8.82
N ASP B 30 22.74 10.31 -8.93
CA ASP B 30 23.31 9.97 -10.22
C ASP B 30 22.58 8.80 -10.88
N VAL B 31 22.27 7.79 -10.08
CA VAL B 31 21.65 6.57 -10.60
C VAL B 31 20.12 6.61 -10.54
N THR B 32 19.61 7.14 -9.43
CA THR B 32 18.17 7.28 -9.25
C THR B 32 17.83 8.70 -8.82
N PRO B 33 17.77 9.63 -9.79
CA PRO B 33 17.51 11.05 -9.51
C PRO B 33 16.16 11.35 -8.88
N ARG B 34 15.09 10.69 -9.33
CA ARG B 34 13.76 10.94 -8.82
C ARG B 34 13.61 10.53 -7.36
N THR B 35 14.04 9.31 -7.06
CA THR B 35 13.95 8.76 -5.72
C THR B 35 14.82 9.54 -4.74
N ALA B 36 16.06 9.82 -5.16
CA ALA B 36 16.99 10.58 -4.33
C ALA B 36 16.46 11.97 -4.03
N GLU B 37 15.93 12.64 -5.06
CA GLU B 37 15.38 13.98 -4.90
C GLU B 37 14.19 14.00 -3.94
N ASN B 38 13.36 12.96 -4.03
CA ASN B 38 12.23 12.81 -3.11
C ASN B 38 12.70 12.79 -1.67
N PHE B 39 13.70 11.95 -1.39
CA PHE B 39 14.24 11.82 -0.04
C PHE B 39 14.95 13.09 0.39
N ARG B 40 15.74 13.66 -0.52
CA ARG B 40 16.49 14.89 -0.21
C ARG B 40 15.54 16.01 0.23
N ALA B 41 14.49 16.21 -0.56
CA ALA B 41 13.53 17.27 -0.29
C ALA B 41 12.78 17.05 1.02
N LEU B 42 12.54 15.79 1.36
CA LEU B 42 11.84 15.43 2.59
C LEU B 42 12.72 15.68 3.83
N CYS B 43 14.03 15.70 3.64
CA CYS B 43 14.95 16.03 4.72
C CYS B 43 15.00 17.54 4.94
N THR B 44 14.82 18.29 3.85
CA THR B 44 14.88 19.75 3.91
C THR B 44 13.52 20.37 4.24
N GLY B 45 12.46 19.70 3.78
CA GLY B 45 11.11 20.21 3.98
C GLY B 45 10.80 21.38 3.06
N GLU B 46 11.59 21.49 1.99
CA GLU B 46 11.51 22.64 1.11
C GLU B 46 10.30 22.60 0.17
N LYS B 47 9.64 21.45 0.06
CA LYS B 47 8.49 21.32 -0.84
C LYS B 47 7.16 21.63 -0.16
N GLY B 48 7.22 21.99 1.12
CA GLY B 48 6.05 22.49 1.83
C GLY B 48 5.05 21.45 2.31
N ILE B 49 3.77 21.74 2.08
CA ILE B 49 2.67 20.97 2.67
C ILE B 49 2.13 19.88 1.75
N GLY B 50 2.02 18.68 2.28
CA GLY B 50 1.46 17.56 1.54
C GLY B 50 -0.06 17.60 1.47
N LYS B 51 -0.66 16.60 0.82
CA LYS B 51 -2.12 16.55 0.69
C LYS B 51 -2.79 16.26 2.04
N SER B 52 -2.04 15.69 2.97
CA SER B 52 -2.56 15.34 4.29
C SER B 52 -2.61 16.55 5.21
N GLY B 53 -2.10 17.68 4.72
CA GLY B 53 -2.05 18.90 5.51
C GLY B 53 -0.79 18.97 6.36
N LYS B 54 0.01 17.91 6.28
CA LYS B 54 1.27 17.85 7.02
C LYS B 54 2.43 18.25 6.11
N PRO B 55 3.50 18.79 6.71
CA PRO B 55 4.70 19.13 5.94
C PRO B 55 5.30 17.91 5.27
N LEU B 56 5.69 18.07 4.00
CA LEU B 56 6.49 17.05 3.34
C LEU B 56 7.87 17.11 3.94
N HIS B 57 8.03 16.44 5.09
CA HIS B 57 9.20 16.65 5.95
C HIS B 57 9.31 15.50 6.96
N TYR B 58 10.48 14.88 7.05
CA TYR B 58 10.71 13.76 7.97
C TYR B 58 10.81 14.20 9.42
N LYS B 59 10.97 15.50 9.63
CA LYS B 59 11.21 16.06 10.96
C LYS B 59 10.14 15.69 11.98
N GLY B 60 10.57 15.10 13.09
CA GLY B 60 9.66 14.74 14.16
C GLY B 60 9.00 13.39 13.97
N SER B 61 9.27 12.74 12.85
CA SER B 61 8.69 11.43 12.57
C SER B 61 9.46 10.33 13.28
N SER B 62 8.95 9.11 13.18
CA SER B 62 9.53 7.99 13.92
C SER B 62 9.94 6.81 13.05
N PHE B 63 10.78 5.95 13.62
CA PHE B 63 11.06 4.64 13.04
C PHE B 63 10.11 3.66 13.70
N HIS B 64 9.03 3.33 12.99
CA HIS B 64 7.92 2.59 13.59
C HIS B 64 8.12 1.08 13.57
N ARG B 65 9.09 0.61 12.79
CA ARG B 65 9.30 -0.83 12.61
C ARG B 65 10.77 -1.20 12.54
N VAL B 66 11.30 -1.73 13.64
CA VAL B 66 12.70 -2.12 13.71
C VAL B 66 12.86 -3.60 14.05
N ILE B 67 13.50 -4.34 13.14
CA ILE B 67 13.74 -5.77 13.32
C ILE B 67 15.24 -6.03 13.29
N PRO B 68 15.81 -6.47 14.42
CA PRO B 68 17.26 -6.65 14.57
C PRO B 68 17.79 -7.68 13.58
N GLY B 69 18.88 -7.34 12.89
CA GLY B 69 19.48 -8.25 11.93
C GLY B 69 18.81 -8.23 10.58
N PHE B 70 17.86 -7.31 10.42
CA PHE B 70 17.13 -7.14 9.18
C PHE B 70 17.25 -5.69 8.74
N MET B 71 16.41 -4.81 9.30
CA MET B 71 16.45 -3.40 8.94
C MET B 71 15.75 -2.50 9.95
N CYS B 72 15.84 -1.19 9.71
CA CYS B 72 15.09 -0.20 10.46
C CYS B 72 14.22 0.59 9.48
N GLN B 73 12.91 0.56 9.69
CA GLN B 73 11.97 1.19 8.76
C GLN B 73 11.32 2.43 9.36
N GLY B 74 11.24 3.50 8.58
CA GLY B 74 10.62 4.74 9.01
C GLY B 74 10.11 5.57 7.85
N GLY B 75 9.78 6.83 8.12
CA GLY B 75 9.39 7.74 7.06
C GLY B 75 7.89 7.99 6.96
N ASP B 76 7.11 7.36 7.83
CA ASP B 76 5.67 7.59 7.85
C ASP B 76 5.36 8.80 8.72
N PHE B 77 5.39 9.98 8.11
CA PHE B 77 5.16 11.22 8.86
C PHE B 77 3.69 11.64 8.95
N THR B 78 2.81 10.86 8.34
CA THR B 78 1.37 11.16 8.41
C THR B 78 0.62 10.25 9.38
N ALA B 79 0.99 8.97 9.39
CA ALA B 79 0.30 7.99 10.24
C ALA B 79 1.20 7.47 11.35
N GLY B 80 2.50 7.41 11.11
CA GLY B 80 3.45 6.99 12.13
C GLY B 80 3.39 5.51 12.44
N ASN B 81 2.78 4.74 11.55
CA ASN B 81 2.63 3.30 11.80
C ASN B 81 2.82 2.43 10.56
N GLY B 82 3.22 3.05 9.45
CA GLY B 82 3.45 2.33 8.21
C GLY B 82 2.31 2.40 7.23
N THR B 83 1.17 2.91 7.68
CA THR B 83 -0.02 3.00 6.83
C THR B 83 -0.09 4.31 6.04
N GLY B 84 0.79 5.25 6.38
CA GLY B 84 0.74 6.57 5.76
C GLY B 84 2.00 6.95 4.99
N GLY B 85 2.27 8.25 4.94
CA GLY B 85 3.39 8.78 4.20
C GLY B 85 2.98 9.21 2.81
N GLU B 86 3.67 10.22 2.26
CA GLU B 86 3.44 10.66 0.89
C GLU B 86 4.71 11.25 0.30
N SER B 87 4.79 11.25 -1.03
CA SER B 87 5.97 11.77 -1.72
C SER B 87 5.85 13.27 -1.96
N ILE B 88 6.91 13.86 -2.50
CA ILE B 88 6.90 15.27 -2.84
C ILE B 88 6.25 15.48 -4.20
N TYR B 89 5.92 14.38 -4.88
CA TYR B 89 5.42 14.47 -6.24
C TYR B 89 3.89 14.55 -6.31
N GLY B 90 3.21 14.25 -5.20
CA GLY B 90 1.77 14.43 -5.12
C GLY B 90 0.99 13.13 -5.20
N SER B 91 1.72 12.04 -5.41
CA SER B 91 1.13 10.71 -5.45
C SER B 91 2.26 9.72 -5.29
N LYS B 92 1.93 8.45 -5.10
CA LYS B 92 2.97 7.43 -5.09
C LYS B 92 3.63 7.40 -6.48
N PHE B 93 4.95 7.25 -6.51
CA PHE B 93 5.66 7.30 -7.78
C PHE B 93 6.24 5.94 -8.19
N ALA B 94 6.64 5.84 -9.46
CA ALA B 94 7.07 4.58 -10.03
C ALA B 94 8.44 4.14 -9.54
N ASP B 95 8.67 2.83 -9.54
CA ASP B 95 9.99 2.29 -9.27
C ASP B 95 10.93 2.77 -10.38
N GLU B 96 11.85 3.66 -10.02
CA GLU B 96 12.73 4.31 -10.99
C GLU B 96 13.56 3.30 -11.76
N ASN B 97 14.39 2.55 -11.03
CA ASN B 97 15.14 1.43 -11.57
C ASN B 97 15.63 0.56 -10.43
N PHE B 98 16.25 -0.57 -10.75
CA PHE B 98 16.77 -1.46 -9.73
C PHE B 98 18.25 -1.76 -9.95
N VAL B 99 19.00 -0.74 -10.35
CA VAL B 99 20.45 -0.87 -10.57
C VAL B 99 21.15 -1.31 -9.29
N LYS B 100 21.02 -0.49 -8.25
CA LYS B 100 21.65 -0.78 -6.97
C LYS B 100 20.99 -1.97 -6.29
N LYS B 101 21.77 -2.74 -5.54
CA LYS B 101 21.28 -3.93 -4.86
C LYS B 101 21.40 -3.79 -3.34
N HIS B 102 20.75 -4.69 -2.62
CA HIS B 102 20.86 -4.71 -1.16
C HIS B 102 22.09 -5.50 -0.75
N THR B 103 23.23 -4.82 -0.69
CA THR B 103 24.52 -5.48 -0.54
C THR B 103 25.01 -5.62 0.90
N GLY B 104 24.25 -5.11 1.86
CA GLY B 104 24.64 -5.21 3.27
C GLY B 104 24.20 -4.03 4.11
N PRO B 105 24.72 -3.96 5.36
CA PRO B 105 24.41 -2.91 6.33
C PRO B 105 24.68 -1.50 5.79
N GLY B 106 23.80 -0.56 6.13
CA GLY B 106 23.96 0.83 5.70
C GLY B 106 23.20 1.17 4.44
N ILE B 107 22.76 0.14 3.72
CA ILE B 107 21.99 0.32 2.49
C ILE B 107 20.67 1.05 2.76
N LEU B 108 20.39 2.08 1.97
CA LEU B 108 19.16 2.84 2.11
C LEU B 108 18.25 2.55 0.92
N SER B 109 17.02 2.13 1.21
CA SER B 109 16.12 1.66 0.17
C SER B 109 14.66 2.01 0.46
N MET B 110 13.85 2.13 -0.59
CA MET B 110 12.45 2.52 -0.46
C MET B 110 11.55 1.39 0.02
N ALA B 111 10.76 1.68 1.05
CA ALA B 111 9.69 0.78 1.45
C ALA B 111 8.51 1.05 0.52
N ASN B 112 7.66 0.06 0.29
CA ASN B 112 6.52 0.26 -0.59
C ASN B 112 5.33 -0.63 -0.25
N ALA B 113 4.30 -0.57 -1.08
CA ALA B 113 3.14 -1.45 -0.95
C ALA B 113 2.89 -2.11 -2.29
N GLY B 114 3.96 -2.57 -2.92
CA GLY B 114 3.86 -3.16 -4.25
C GLY B 114 4.53 -2.27 -5.28
N PRO B 115 4.38 -2.61 -6.57
CA PRO B 115 5.05 -1.90 -7.67
C PRO B 115 4.54 -0.48 -7.84
N GLY B 116 5.44 0.47 -8.00
CA GLY B 116 5.08 1.86 -8.25
C GLY B 116 4.25 2.50 -7.14
N THR B 117 4.58 2.18 -5.89
CA THR B 117 3.88 2.75 -4.74
C THR B 117 4.82 3.47 -3.78
N ASN B 118 5.94 3.96 -4.31
CA ASN B 118 6.91 4.69 -3.49
C ASN B 118 6.33 5.98 -2.95
N GLY B 119 6.50 6.23 -1.66
CA GLY B 119 6.01 7.45 -1.06
C GLY B 119 7.10 8.18 -0.31
N SER B 120 7.19 7.92 0.99
CA SER B 120 8.19 8.56 1.83
C SER B 120 8.83 7.56 2.79
N GLN B 121 8.28 6.35 2.82
CA GLN B 121 8.80 5.31 3.70
C GLN B 121 10.04 4.65 3.11
N PHE B 122 11.00 4.39 3.99
CA PHE B 122 12.30 3.88 3.59
C PHE B 122 12.78 2.90 4.64
N PHE B 123 13.89 2.23 4.37
CA PHE B 123 14.53 1.44 5.39
C PHE B 123 16.05 1.48 5.27
N VAL B 124 16.72 1.30 6.40
CA VAL B 124 18.17 1.22 6.43
C VAL B 124 18.54 -0.21 6.81
N CYS B 125 19.19 -0.93 5.90
CA CYS B 125 19.53 -2.33 6.15
C CYS B 125 20.60 -2.46 7.23
N THR B 126 20.38 -3.37 8.17
CA THR B 126 21.40 -3.71 9.16
C THR B 126 22.02 -5.05 8.77
N ALA B 127 21.63 -5.55 7.60
CA ALA B 127 22.16 -6.79 7.07
C ALA B 127 21.98 -6.85 5.55
N LYS B 128 22.57 -7.86 4.92
CA LYS B 128 22.39 -8.05 3.49
C LYS B 128 21.04 -8.71 3.23
N THR B 129 20.25 -8.10 2.36
CA THR B 129 18.89 -8.57 2.09
C THR B 129 18.64 -8.73 0.60
N GLU B 130 19.33 -9.69 -0.01
CA GLU B 130 19.26 -9.98 -1.45
C GLU B 130 17.84 -10.09 -1.99
N TRP B 131 16.95 -10.67 -1.19
CA TRP B 131 15.61 -11.00 -1.63
C TRP B 131 14.74 -9.78 -1.92
N LEU B 132 15.27 -8.59 -1.63
CA LEU B 132 14.56 -7.35 -1.89
C LEU B 132 15.00 -6.73 -3.22
N ASP B 133 16.06 -7.28 -3.80
CA ASP B 133 16.53 -6.79 -5.10
C ASP B 133 15.46 -6.93 -6.15
N GLY B 134 15.27 -5.87 -6.94
CA GLY B 134 14.32 -5.90 -8.03
C GLY B 134 12.90 -5.55 -7.60
N LYS B 135 12.72 -5.32 -6.30
CA LYS B 135 11.41 -5.01 -5.75
C LYS B 135 11.42 -3.74 -4.91
N HIS B 136 12.61 -3.34 -4.49
CA HIS B 136 12.77 -2.11 -3.71
C HIS B 136 13.92 -1.28 -4.25
N VAL B 137 13.64 -0.02 -4.56
CA VAL B 137 14.63 0.87 -5.14
C VAL B 137 15.66 1.31 -4.10
N VAL B 138 16.89 0.86 -4.26
CA VAL B 138 17.98 1.30 -3.43
C VAL B 138 18.45 2.66 -3.95
N PHE B 139 18.49 3.65 -3.06
CA PHE B 139 18.77 5.02 -3.50
C PHE B 139 19.81 5.72 -2.64
N GLY B 140 20.42 5.00 -1.71
CA GLY B 140 21.42 5.61 -0.85
C GLY B 140 22.18 4.65 0.04
N GLN B 141 23.11 5.19 0.81
CA GLN B 141 23.86 4.41 1.79
C GLN B 141 24.32 5.31 2.93
N VAL B 142 24.37 4.73 4.13
CA VAL B 142 24.84 5.45 5.30
C VAL B 142 26.34 5.66 5.21
N VAL B 143 26.77 6.92 5.21
CA VAL B 143 28.20 7.23 5.16
C VAL B 143 28.73 7.68 6.51
N GLU B 144 27.83 7.85 7.48
CA GLU B 144 28.22 8.24 8.83
C GLU B 144 27.10 7.90 9.82
N GLY B 145 27.49 7.44 11.02
CA GLY B 145 26.54 7.18 12.08
C GLY B 145 25.95 5.78 12.02
N MET B 146 26.73 4.82 11.53
CA MET B 146 26.24 3.46 11.45
C MET B 146 26.02 2.87 12.84
N ASP B 147 26.78 3.37 13.82
CA ASP B 147 26.60 2.97 15.21
C ASP B 147 25.26 3.47 15.74
N VAL B 148 24.80 4.60 15.20
CA VAL B 148 23.49 5.14 15.58
C VAL B 148 22.39 4.18 15.11
N VAL B 149 22.56 3.66 13.90
CA VAL B 149 21.64 2.65 13.36
C VAL B 149 21.60 1.42 14.26
N LYS B 150 22.78 0.96 14.69
CA LYS B 150 22.88 -0.20 15.57
C LYS B 150 22.22 0.02 16.93
N ALA B 151 22.23 1.26 17.40
CA ALA B 151 21.58 1.60 18.66
C ALA B 151 20.06 1.50 18.50
N ILE B 152 19.56 1.97 17.37
CA ILE B 152 18.15 1.85 17.02
C ILE B 152 17.77 0.38 16.90
N GLU B 153 18.66 -0.39 16.29
CA GLU B 153 18.47 -1.83 16.12
C GLU B 153 18.25 -2.52 17.47
N LYS B 154 18.95 -2.07 18.49
CA LYS B 154 18.93 -2.73 19.80
C LYS B 154 17.60 -2.56 20.54
N VAL B 155 16.77 -1.62 20.12
CA VAL B 155 15.44 -1.46 20.72
C VAL B 155 14.37 -2.11 19.85
N GLY B 156 14.80 -2.78 18.80
CA GLY B 156 13.88 -3.49 17.92
C GLY B 156 13.44 -4.81 18.50
N SER B 157 12.56 -5.51 17.79
CA SER B 157 12.07 -6.81 18.22
C SER B 157 11.70 -7.66 17.01
N SER B 158 11.34 -8.92 17.25
CA SER B 158 10.95 -9.83 16.18
C SER B 158 9.76 -9.31 15.39
N SER B 159 8.77 -8.79 16.11
CA SER B 159 7.56 -8.26 15.49
C SER B 159 7.82 -6.92 14.80
N GLY B 160 8.86 -6.23 15.25
CA GLY B 160 9.19 -4.92 14.70
C GLY B 160 8.79 -3.80 15.64
N ARG B 161 8.00 -4.15 16.66
CA ARG B 161 7.63 -3.19 17.69
C ARG B 161 8.90 -2.71 18.41
N THR B 162 9.02 -1.40 18.60
CA THR B 162 10.19 -0.85 19.28
C THR B 162 9.99 -0.74 20.79
N ASN B 163 11.01 -1.10 21.55
CA ASN B 163 10.95 -1.03 23.01
C ASN B 163 10.95 0.42 23.49
N LYS B 164 11.50 1.30 22.66
CA LYS B 164 11.58 2.72 22.95
C LYS B 164 11.33 3.49 21.66
N PRO B 165 10.75 4.69 21.76
CA PRO B 165 10.49 5.48 20.55
C PRO B 165 11.78 5.91 19.85
N VAL B 166 11.85 5.66 18.55
CA VAL B 166 12.99 6.09 17.75
C VAL B 166 12.55 7.25 16.86
N VAL B 167 13.11 8.43 17.09
CA VAL B 167 12.58 9.66 16.49
C VAL B 167 13.63 10.48 15.73
N ILE B 168 13.27 10.91 14.53
CA ILE B 168 14.09 11.85 13.78
C ILE B 168 13.86 13.26 14.34
N ALA B 169 14.65 13.61 15.36
CA ALA B 169 14.47 14.89 16.06
C ALA B 169 14.81 16.07 15.16
N ASP B 170 15.75 15.88 14.25
CA ASP B 170 16.08 16.89 13.28
C ASP B 170 16.62 16.23 12.01
N CYS B 171 16.56 16.96 10.90
CA CYS B 171 17.05 16.45 9.63
C CYS B 171 17.34 17.60 8.68
N GLY B 172 18.03 17.30 7.58
CA GLY B 172 18.37 18.32 6.61
C GLY B 172 19.45 17.90 5.64
N GLN B 173 19.92 18.85 4.84
CA GLN B 173 20.94 18.56 3.85
C GLN B 173 22.26 19.22 4.23
N LEU B 174 23.35 18.47 4.09
CA LEU B 174 24.69 18.99 4.37
C LEU B 174 25.30 19.61 3.11
N DAL C 1 7.34 -13.62 6.09
CA DAL C 1 8.69 -13.62 5.53
CB DAL C 1 9.41 -14.91 5.92
C DAL C 1 9.48 -12.40 6.04
O DAL C 1 9.31 -11.99 7.19
N MLE C 2 10.32 -11.83 5.18
CN MLE C 2 10.44 -12.24 3.79
CA MLE C 2 11.12 -10.68 5.60
CB MLE C 2 12.60 -11.06 5.65
CG MLE C 2 12.85 -12.26 6.57
CD1 MLE C 2 14.26 -12.81 6.38
CD2 MLE C 2 12.58 -11.90 8.02
C MLE C 2 10.96 -9.53 4.64
O MLE C 2 11.95 -9.26 3.68
N MLE C 3 9.86 -8.79 4.77
CN MLE C 3 8.89 -9.00 5.84
CA MLE C 3 9.55 -7.77 3.77
CB MLE C 3 8.17 -8.11 3.16
CG MLE C 3 8.22 -9.42 2.37
CD1 MLE C 3 6.92 -9.66 1.62
CD2 MLE C 3 9.40 -9.45 1.40
C MLE C 3 9.60 -6.33 4.26
O MLE C 3 9.42 -6.03 5.63
N MVA C 4 9.62 -5.24 3.60
CN MVA C 4 9.75 -5.46 2.23
CA MVA C 4 9.32 -3.92 4.07
CB MVA C 4 10.58 -3.17 4.53
CG1 MVA C 4 10.62 -1.67 4.47
CG2 MVA C 4 11.89 -3.84 4.17
C MVA C 4 8.25 -3.18 3.27
O MVA C 4 8.53 -2.41 2.42
N BMT C 5 7.01 -3.48 3.79
CN BMT C 5 6.87 -4.34 4.91
CA BMT C 5 5.85 -2.95 3.14
C BMT C 5 5.19 -1.81 3.95
O BMT C 5 5.58 -1.64 5.12
CB BMT C 5 4.86 -4.06 2.72
OG1 BMT C 5 4.10 -4.55 3.77
CG2 BMT C 5 5.45 -5.22 1.91
CD1 BMT C 5 6.30 -4.79 0.73
CD2 BMT C 5 4.34 -6.16 1.52
CE BMT C 5 3.65 -5.57 0.40
CZ BMT C 5 2.42 -5.79 0.13
CH BMT C 5 1.77 -5.16 -1.08
N ABA C 6 4.31 -1.22 3.28
CA ABA C 6 3.71 0.01 3.78
C ABA C 6 2.19 -0.07 3.83
O ABA C 6 1.51 0.49 2.97
CB ABA C 6 4.13 1.22 2.93
CG ABA C 6 5.64 1.38 2.84
N SAR C 7 1.65 -0.77 4.83
CA SAR C 7 0.23 -1.03 4.83
C SAR C 7 -0.07 -2.46 5.20
O SAR C 7 -0.61 -2.76 6.47
CN SAR C 7 2.41 -1.24 5.97
N MLE C 8 0.18 -3.39 4.29
CN MLE C 8 0.75 -3.09 2.98
CA MLE C 8 -0.06 -4.79 4.59
CB MLE C 8 -0.79 -5.49 3.42
CG MLE C 8 -2.21 -4.96 3.25
CD1 MLE C 8 -3.04 -5.88 2.35
CD2 MLE C 8 -2.88 -4.73 4.59
C MLE C 8 1.23 -5.50 4.86
O MLE C 8 1.96 -6.06 3.80
N VAL C 9 1.62 -5.55 6.12
CA VAL C 9 2.83 -6.29 6.51
C VAL C 9 2.58 -7.78 6.27
N MLE C 10 3.43 -8.40 5.46
CN MLE C 10 4.61 -7.75 4.90
CA MLE C 10 3.21 -9.80 5.14
CB MLE C 10 3.28 -10.04 3.63
CG MLE C 10 2.21 -9.23 2.87
CD1 MLE C 10 2.41 -9.38 1.36
CD2 MLE C 10 0.79 -9.62 3.27
C MLE C 10 4.19 -10.68 5.85
O MLE C 10 5.14 -10.15 6.75
N ALA C 11 4.10 -11.98 5.61
CA ALA C 11 5.02 -12.94 6.23
C ALA C 11 6.38 -12.87 5.55
N DAL D 1 -3.41 -18.78 4.95
CA DAL D 1 -4.33 -19.53 4.09
CB DAL D 1 -3.67 -20.81 3.62
C DAL D 1 -4.78 -18.69 2.89
O DAL D 1 -3.97 -18.02 2.25
N MLE D 2 -6.08 -18.74 2.58
CN MLE D 2 -7.04 -19.52 3.34
CA MLE D 2 -6.61 -17.95 1.47
CB MLE D 2 -7.11 -18.86 0.35
CG MLE D 2 -6.01 -19.77 -0.19
CD1 MLE D 2 -6.60 -20.77 -1.19
CD2 MLE D 2 -4.91 -18.95 -0.83
C MLE D 2 -7.76 -17.09 1.92
O MLE D 2 -9.07 -17.46 1.58
N MLE D 3 -7.47 -15.98 2.60
CN MLE D 3 -6.10 -15.58 2.88
CA MLE D 3 -8.55 -15.15 3.13
CB MLE D 3 -8.32 -14.97 4.64
CG MLE D 3 -8.41 -16.30 5.39
CD1 MLE D 3 -8.41 -16.09 6.90
CD2 MLE D 3 -9.62 -17.12 4.97
C MLE D 3 -8.69 -13.81 2.41
O MLE D 3 -7.59 -13.23 1.76
N MVA D 4 -9.71 -13.12 2.57
CN MVA D 4 -10.96 -13.43 3.15
CA MVA D 4 -9.58 -11.74 2.09
CB MVA D 4 -10.04 -11.53 0.62
CG1 MVA D 4 -10.55 -10.16 0.18
CG2 MVA D 4 -10.59 -12.68 -0.21
C MVA D 4 -9.96 -10.64 3.08
O MVA D 4 -11.12 -10.25 3.11
N BMT D 5 -8.90 -10.38 3.78
CN BMT D 5 -7.58 -10.80 3.58
CA BMT D 5 -9.18 -9.39 4.79
C BMT D 5 -8.64 -7.99 4.55
O BMT D 5 -7.92 -7.74 3.63
CB BMT D 5 -8.88 -9.86 6.18
OG1 BMT D 5 -7.50 -9.87 6.44
CG2 BMT D 5 -9.45 -11.22 6.51
CD1 BMT D 5 -10.94 -11.44 6.28
CD2 BMT D 5 -8.98 -11.69 7.89
CE BMT D 5 -9.59 -10.92 9.00
CZ BMT D 5 -8.81 -10.29 9.83
CH BMT D 5 -9.38 -9.52 10.99
N ABA D 6 -9.03 -7.06 5.51
CA ABA D 6 -8.70 -5.64 5.35
C ABA D 6 -7.95 -5.07 6.56
O ABA D 6 -8.54 -4.43 7.41
CB ABA D 6 -9.96 -4.82 5.07
CG ABA D 6 -10.66 -5.23 3.79
N SAR D 7 -6.64 -5.32 6.63
CA SAR D 7 -5.87 -4.87 7.77
C SAR D 7 -4.89 -5.93 8.23
O SAR D 7 -3.50 -5.76 8.00
CN SAR D 7 -5.93 -6.10 5.62
N MLE D 8 -5.39 -6.99 8.85
CN MLE D 8 -6.81 -7.15 9.14
CA MLE D 8 -4.52 -8.07 9.26
CB MLE D 8 -4.81 -8.48 10.71
CG MLE D 8 -4.07 -7.61 11.72
CD1 MLE D 8 -2.63 -7.33 11.31
CD2 MLE D 8 -4.80 -6.29 12.01
C MLE D 8 -4.67 -9.26 8.35
O MLE D 8 -5.77 -10.13 8.49
N VAL D 9 -3.72 -9.44 7.44
CA VAL D 9 -3.74 -10.56 6.51
C VAL D 9 -3.40 -11.85 7.23
N MLE D 10 -4.30 -12.84 7.17
CN MLE D 10 -5.52 -12.73 6.38
CA MLE D 10 -4.07 -14.07 7.90
CB MLE D 10 -5.30 -14.48 8.72
CG MLE D 10 -5.65 -13.43 9.78
CD1 MLE D 10 -6.81 -13.89 10.65
CD2 MLE D 10 -4.45 -13.08 10.64
C MLE D 10 -3.63 -15.21 7.02
O MLE D 10 -3.63 -15.07 5.62
N ALA D 11 -3.24 -16.32 7.63
CA ALA D 11 -2.73 -17.47 6.88
C ALA D 11 -3.82 -18.16 6.06
#